data_5NL7
#
_entry.id   5NL7
#
_cell.length_a   146.740
_cell.length_b   146.740
_cell.length_c   33.970
_cell.angle_alpha   90.00
_cell.angle_beta   90.00
_cell.angle_gamma   120.00
#
_symmetry.space_group_name_H-M   'P 3'
#
loop_
_entity.id
_entity.type
_entity.pdbx_description
1 polymer 'Calponin homology domain protein putative'
2 non-polymer 'CALCIUM ION'
3 non-polymer 2-AMINO-2-HYDROXYMETHYL-PROPANE-1,3-DIOL
4 water water
#
_entity_poly.entity_id   1
_entity_poly.type   'polypeptide(L)'
_entity_poly.pdbx_seq_one_letter_code
;GPAMADSELVAQWEKVQIKTFTKWVNMHLAKKGRKINDVTTDFKNGVELCALLEIIGETTIKCVTNPKMRIQMTENLDKA
LRFIQSRDVKLTGIGPTDIVDGNVKLTLGLVWTLILRFAISELSAEGLSAKQGLLLWCQKKCEPYPVKVENFSESFKDGK
VFCALIHRHRPDLLDWETVGEDDRANLEKAFDVAEKELGIPKLLDVDDIVNMPRPDERSVMTYVAALYKVFSSN
;
_entity_poly.pdbx_strand_id   A,B
#
# COMPACT_ATOMS: atom_id res chain seq x y z
N ALA A 5 -37.55 -20.49 -6.30
CA ALA A 5 -37.27 -19.18 -6.88
C ALA A 5 -36.21 -18.47 -6.07
N ASP A 6 -34.94 -18.71 -6.34
CA ASP A 6 -33.94 -17.93 -5.62
C ASP A 6 -32.88 -17.27 -6.49
N SER A 7 -32.46 -17.92 -7.59
CA SER A 7 -31.18 -17.55 -8.21
C SER A 7 -31.18 -16.14 -8.76
N GLU A 8 -32.27 -15.71 -9.40
CA GLU A 8 -32.28 -14.37 -9.96
C GLU A 8 -32.41 -13.32 -8.85
N LEU A 9 -33.15 -13.65 -7.78
CA LEU A 9 -33.32 -12.66 -6.72
C LEU A 9 -32.13 -12.62 -5.76
N VAL A 10 -31.40 -13.73 -5.64
CA VAL A 10 -30.13 -13.70 -4.93
C VAL A 10 -29.16 -12.74 -5.62
N ALA A 11 -29.17 -12.74 -6.96
CA ALA A 11 -28.42 -11.71 -7.70
C ALA A 11 -28.99 -10.31 -7.47
N GLN A 12 -30.32 -10.21 -7.26
CA GLN A 12 -30.95 -8.92 -7.00
C GLN A 12 -30.58 -8.41 -5.60
N TRP A 13 -30.63 -9.29 -4.58
CA TRP A 13 -30.19 -8.89 -3.24
C TRP A 13 -28.75 -8.42 -3.22
N GLU A 14 -27.89 -8.99 -4.05
CA GLU A 14 -26.50 -8.53 -4.09
C GLU A 14 -26.41 -7.11 -4.62
N LYS A 15 -27.13 -6.80 -5.70
CA LYS A 15 -27.18 -5.45 -6.24
C LYS A 15 -27.65 -4.46 -5.19
N VAL A 16 -28.67 -4.86 -4.42
CA VAL A 16 -29.29 -4.01 -3.41
C VAL A 16 -28.35 -3.80 -2.23
N GLN A 17 -27.70 -4.87 -1.82
CA GLN A 17 -26.78 -4.78 -0.69
C GLN A 17 -25.55 -3.96 -1.06
N ILE A 18 -25.16 -3.96 -2.34
CA ILE A 18 -24.08 -3.10 -2.78
C ILE A 18 -24.49 -1.64 -2.66
N LYS A 19 -25.70 -1.32 -3.10
CA LYS A 19 -26.16 0.06 -3.01
C LYS A 19 -26.29 0.51 -1.56
N THR A 20 -26.90 -0.32 -0.70
CA THR A 20 -27.08 0.07 0.70
C THR A 20 -25.75 0.22 1.44
N PHE A 21 -24.82 -0.74 1.25
CA PHE A 21 -23.51 -0.66 1.92
C PHE A 21 -22.72 0.52 1.38
N THR A 22 -22.83 0.77 0.07
CA THR A 22 -22.21 1.97 -0.49
C THR A 22 -22.74 3.22 0.19
N LYS A 23 -24.07 3.32 0.31
CA LYS A 23 -24.63 4.52 0.92
C LYS A 23 -24.29 4.60 2.41
N TRP A 24 -24.17 3.45 3.08
CA TRP A 24 -23.74 3.44 4.48
C TRP A 24 -22.28 3.88 4.61
N VAL A 25 -21.43 3.51 3.65
CA VAL A 25 -20.04 3.99 3.69
C VAL A 25 -20.04 5.50 3.51
N ASN A 26 -20.79 5.98 2.53
CA ASN A 26 -20.81 7.41 2.23
C ASN A 26 -21.28 8.21 3.42
N MET A 27 -22.21 7.66 4.22
CA MET A 27 -22.69 8.32 5.43
C MET A 27 -21.53 8.74 6.33
N HIS A 28 -20.53 7.88 6.47
CA HIS A 28 -19.37 8.21 7.28
C HIS A 28 -18.32 8.97 6.49
N LEU A 29 -18.15 8.61 5.22
CA LEU A 29 -17.19 9.33 4.40
C LEU A 29 -17.61 10.79 4.21
N ALA A 30 -18.92 11.07 4.26
CA ALA A 30 -19.40 12.45 4.12
C ALA A 30 -19.01 13.33 5.29
N LYS A 31 -18.75 12.75 6.47
CA LYS A 31 -18.37 13.57 7.61
C LYS A 31 -17.04 14.27 7.42
N LYS A 32 -16.30 13.93 6.36
CA LYS A 32 -15.01 14.54 6.02
C LYS A 32 -14.96 14.91 4.55
N GLY A 33 -16.09 15.10 3.89
CA GLY A 33 -16.04 15.52 2.51
C GLY A 33 -15.61 14.46 1.53
N ARG A 34 -15.74 13.19 1.91
CA ARG A 34 -15.37 12.06 1.05
C ARG A 34 -16.62 11.36 0.53
N LYS A 35 -16.45 10.62 -0.57
CA LYS A 35 -17.61 9.99 -1.22
C LYS A 35 -17.10 8.95 -2.22
N ILE A 36 -17.88 7.87 -2.40
CA ILE A 36 -17.53 6.82 -3.35
C ILE A 36 -18.76 6.51 -4.20
N ASN A 37 -18.52 5.97 -5.39
CA ASN A 37 -19.60 5.53 -6.29
C ASN A 37 -20.04 4.10 -6.01
N ASP A 38 -19.13 3.19 -5.65
CA ASP A 38 -19.42 1.76 -5.72
C ASP A 38 -18.51 1.00 -4.77
N VAL A 39 -19.09 0.34 -3.76
CA VAL A 39 -18.23 -0.31 -2.77
C VAL A 39 -17.49 -1.52 -3.37
N THR A 40 -18.00 -2.12 -4.43
CA THR A 40 -17.32 -3.25 -5.03
C THR A 40 -16.12 -2.86 -5.88
N THR A 41 -15.97 -1.59 -6.23
CA THR A 41 -14.81 -1.14 -7.00
C THR A 41 -13.97 -0.11 -6.27
N ASP A 42 -14.53 0.63 -5.33
CA ASP A 42 -13.86 1.77 -4.74
C ASP A 42 -13.00 1.41 -3.52
N PHE A 43 -12.97 0.17 -3.10
CA PHE A 43 -12.02 -0.24 -2.08
C PHE A 43 -10.84 -0.98 -2.67
N LYS A 44 -10.81 -1.13 -3.99
CA LYS A 44 -9.79 -1.95 -4.60
C LYS A 44 -8.39 -1.41 -4.37
N ASN A 45 -8.23 -0.12 -4.10
CA ASN A 45 -6.91 0.41 -3.78
C ASN A 45 -6.71 0.67 -2.29
N GLY A 46 -7.70 0.41 -1.44
CA GLY A 46 -7.53 0.55 0.00
C GLY A 46 -7.68 1.94 0.60
N VAL A 47 -7.58 3.00 -0.21
CA VAL A 47 -7.65 4.39 0.31
C VAL A 47 -8.96 4.63 1.03
N GLU A 48 -10.10 4.41 0.37
CA GLU A 48 -11.37 4.80 0.96
C GLU A 48 -11.83 3.85 2.07
N LEU A 49 -11.26 2.65 2.14
CA LEU A 49 -11.42 1.76 3.29
C LEU A 49 -10.59 2.24 4.48
N CYS A 50 -9.36 2.66 4.24
CA CYS A 50 -8.60 3.28 5.32
C CYS A 50 -9.28 4.55 5.79
N ALA A 51 -9.79 5.35 4.84
CA ALA A 51 -10.52 6.57 5.16
C ALA A 51 -11.68 6.25 6.09
N LEU A 52 -12.51 5.27 5.70
CA LEU A 52 -13.70 4.92 6.47
C LEU A 52 -13.34 4.48 7.89
N LEU A 53 -12.29 3.68 8.02
CA LEU A 53 -11.89 3.19 9.34
C LEU A 53 -11.35 4.31 10.23
N GLU A 54 -10.67 5.31 9.65
CA GLU A 54 -10.21 6.44 10.45
C GLU A 54 -11.40 7.16 11.07
N ILE A 55 -12.43 7.41 10.27
CA ILE A 55 -13.63 8.10 10.76
C ILE A 55 -14.29 7.27 11.85
N ILE A 56 -14.66 6.02 11.55
CA ILE A 56 -15.41 5.22 12.50
C ILE A 56 -14.53 4.53 13.52
N GLY A 57 -13.22 4.72 13.45
CA GLY A 57 -12.32 4.04 14.36
C GLY A 57 -11.61 5.02 15.28
N GLU A 58 -11.63 6.30 14.91
CA GLU A 58 -11.03 7.38 15.70
C GLU A 58 -9.52 7.15 15.85
N THR A 59 -8.86 6.98 14.71
CA THR A 59 -7.44 6.64 14.58
C THR A 59 -6.93 7.26 13.29
N THR A 60 -5.62 7.48 13.22
CA THR A 60 -4.96 7.90 11.97
C THR A 60 -3.96 6.81 11.59
N ILE A 61 -4.44 5.81 10.87
CA ILE A 61 -3.53 4.88 10.21
C ILE A 61 -3.03 5.52 8.92
N LYS A 62 -1.77 5.29 8.58
CA LYS A 62 -1.14 5.98 7.46
C LYS A 62 -1.22 5.09 6.22
N CYS A 63 -2.07 5.47 5.27
CA CYS A 63 -2.18 4.76 4.00
C CYS A 63 -1.58 5.61 2.90
N VAL A 64 -1.24 4.95 1.79
CA VAL A 64 -0.69 5.62 0.62
C VAL A 64 -1.86 6.06 -0.24
N THR A 65 -2.07 7.35 -0.27
CA THR A 65 -3.33 7.95 -0.67
C THR A 65 -3.54 7.98 -2.18
N ASN A 66 -2.47 7.85 -2.98
CA ASN A 66 -2.60 7.66 -4.44
C ASN A 66 -1.70 6.52 -4.87
N PRO A 67 -2.08 5.29 -4.60
CA PRO A 67 -1.20 4.15 -4.91
C PRO A 67 -1.07 3.96 -6.42
N LYS A 68 0.17 3.89 -6.89
CA LYS A 68 0.43 3.57 -8.28
C LYS A 68 0.92 2.14 -8.49
N MET A 69 1.54 1.53 -7.48
CA MET A 69 1.92 0.13 -7.51
C MET A 69 0.84 -0.75 -6.90
N ARG A 70 0.62 -1.92 -7.48
CA ARG A 70 -0.28 -2.88 -6.84
C ARG A 70 0.20 -3.20 -5.43
N ILE A 71 1.52 -3.12 -5.22
CA ILE A 71 2.13 -3.38 -3.92
C ILE A 71 1.59 -2.41 -2.89
N GLN A 72 1.43 -1.14 -3.28
CA GLN A 72 0.96 -0.11 -2.36
C GLN A 72 -0.51 -0.29 -2.00
N MET A 73 -1.35 -0.67 -2.98
CA MET A 73 -2.75 -0.95 -2.66
C MET A 73 -2.86 -2.11 -1.68
N THR A 74 -2.12 -3.19 -1.97
CA THR A 74 -2.14 -4.36 -1.09
C THR A 74 -1.68 -4.00 0.31
N GLU A 75 -0.58 -3.25 0.44
CA GLU A 75 -0.13 -2.79 1.75
C GLU A 75 -1.13 -1.87 2.42
N ASN A 76 -1.86 -1.06 1.64
CA ASN A 76 -2.94 -0.26 2.22
C ASN A 76 -3.92 -1.14 2.98
N LEU A 77 -4.37 -2.23 2.33
CA LEU A 77 -5.30 -3.15 2.98
C LEU A 77 -4.64 -3.94 4.10
N ASP A 78 -3.33 -4.14 4.06
CA ASP A 78 -2.62 -4.68 5.22
C ASP A 78 -2.87 -3.81 6.45
N LYS A 79 -2.63 -2.51 6.34
CA LYS A 79 -2.90 -1.61 7.45
C LYS A 79 -4.39 -1.59 7.80
N ALA A 80 -5.27 -1.60 6.79
CA ALA A 80 -6.71 -1.66 7.06
C ALA A 80 -7.07 -2.93 7.82
N LEU A 81 -6.75 -4.10 7.24
CA LEU A 81 -7.07 -5.38 7.87
C LEU A 81 -6.38 -5.53 9.21
N ARG A 82 -5.24 -4.87 9.40
CA ARG A 82 -4.58 -4.91 10.71
C ARG A 82 -5.44 -4.25 11.75
N PHE A 83 -5.89 -3.02 11.44
CA PHE A 83 -6.60 -2.21 12.41
C PHE A 83 -7.93 -2.86 12.79
N ILE A 84 -8.62 -3.44 11.81
CA ILE A 84 -9.89 -4.11 12.05
C ILE A 84 -9.73 -5.21 13.09
N GLN A 85 -8.75 -6.09 12.90
CA GLN A 85 -8.55 -7.12 13.91
C GLN A 85 -7.98 -6.57 15.21
N SER A 86 -7.47 -5.33 15.22
CA SER A 86 -7.12 -4.75 16.51
C SER A 86 -8.37 -4.35 17.29
N ARG A 87 -9.49 -4.13 16.60
CA ARG A 87 -10.76 -3.81 17.25
C ARG A 87 -11.63 -5.05 17.49
N ASP A 88 -11.03 -6.23 17.63
CA ASP A 88 -11.72 -7.47 18.04
C ASP A 88 -12.70 -7.95 16.96
N VAL A 89 -12.24 -8.03 15.72
CA VAL A 89 -13.05 -8.53 14.62
C VAL A 89 -12.38 -9.78 14.04
N LYS A 90 -13.18 -10.81 13.78
CA LYS A 90 -12.73 -12.08 13.22
C LYS A 90 -12.95 -12.03 11.71
N LEU A 91 -11.86 -11.98 10.95
CA LEU A 91 -11.93 -11.98 9.49
C LEU A 91 -11.96 -13.43 9.00
N THR A 92 -13.10 -13.84 8.46
CA THR A 92 -13.30 -15.24 8.14
C THR A 92 -12.22 -15.76 7.19
N GLY A 93 -12.18 -15.23 5.97
CA GLY A 93 -11.21 -15.71 5.00
C GLY A 93 -10.76 -14.61 4.07
N ILE A 94 -10.89 -13.38 4.53
CA ILE A 94 -10.67 -12.19 3.72
C ILE A 94 -9.22 -11.75 3.88
N GLY A 95 -8.47 -11.79 2.78
CA GLY A 95 -7.15 -11.23 2.72
C GLY A 95 -7.13 -10.08 1.74
N PRO A 96 -5.98 -9.43 1.59
CA PRO A 96 -5.95 -8.16 0.83
C PRO A 96 -6.18 -8.33 -0.66
N THR A 97 -5.69 -9.43 -1.24
CA THR A 97 -5.87 -9.69 -2.67
C THR A 97 -7.34 -9.88 -3.03
N ASP A 98 -8.16 -10.29 -2.07
CA ASP A 98 -9.60 -10.47 -2.31
C ASP A 98 -10.29 -9.15 -2.55
N ILE A 99 -9.76 -8.07 -2.01
CA ILE A 99 -10.41 -6.77 -2.13
C ILE A 99 -9.69 -5.94 -3.18
N VAL A 100 -8.38 -6.17 -3.35
CA VAL A 100 -7.68 -5.45 -4.41
C VAL A 100 -8.13 -5.95 -5.77
N ASP A 101 -8.41 -7.25 -5.87
CA ASP A 101 -8.89 -7.82 -7.13
C ASP A 101 -10.35 -7.56 -7.36
N GLY A 102 -11.08 -7.13 -6.33
CA GLY A 102 -12.43 -6.63 -6.47
C GLY A 102 -13.48 -7.70 -6.31
N ASN A 103 -13.24 -8.66 -5.42
CA ASN A 103 -14.22 -9.72 -5.23
C ASN A 103 -15.45 -9.19 -4.50
N VAL A 104 -16.62 -9.49 -5.03
CA VAL A 104 -17.83 -8.84 -4.56
C VAL A 104 -18.37 -9.49 -3.28
N LYS A 105 -18.41 -10.82 -3.22
CA LYS A 105 -18.91 -11.45 -2.00
C LYS A 105 -17.98 -11.23 -0.80
N LEU A 106 -16.67 -11.08 -1.02
CA LEU A 106 -15.79 -10.90 0.13
C LEU A 106 -15.68 -9.43 0.55
N THR A 107 -15.89 -8.51 -0.39
CA THR A 107 -15.90 -7.10 -0.02
C THR A 107 -17.18 -6.75 0.74
N LEU A 108 -18.34 -7.20 0.25
CA LEU A 108 -19.57 -7.06 1.00
C LEU A 108 -19.47 -7.76 2.35
N GLY A 109 -18.80 -8.91 2.41
CA GLY A 109 -18.61 -9.57 3.68
C GLY A 109 -17.78 -8.73 4.64
N LEU A 110 -16.75 -8.06 4.13
CA LEU A 110 -15.91 -7.18 4.96
C LEU A 110 -16.71 -6.01 5.51
N VAL A 111 -17.45 -5.33 4.63
CA VAL A 111 -18.21 -4.15 5.04
C VAL A 111 -19.29 -4.55 6.03
N TRP A 112 -19.86 -5.74 5.87
CA TRP A 112 -20.84 -6.19 6.84
C TRP A 112 -20.22 -6.41 8.22
N THR A 113 -18.97 -6.89 8.27
CA THR A 113 -18.28 -7.01 9.55
C THR A 113 -18.05 -5.65 10.21
N LEU A 114 -17.88 -4.60 9.40
CA LEU A 114 -17.74 -3.26 9.95
C LEU A 114 -19.07 -2.71 10.43
N ILE A 115 -20.14 -3.00 9.69
CA ILE A 115 -21.46 -2.61 10.16
C ILE A 115 -21.78 -3.33 11.46
N LEU A 116 -21.45 -4.61 11.53
CA LEU A 116 -21.71 -5.38 12.73
C LEU A 116 -20.86 -4.87 13.90
N ARG A 117 -19.62 -4.47 13.62
CA ARG A 117 -18.72 -4.10 14.71
C ARG A 117 -19.00 -2.69 15.22
N PHE A 118 -19.19 -1.75 14.31
CA PHE A 118 -19.21 -0.35 14.69
C PHE A 118 -20.62 0.23 14.79
N ALA A 119 -21.61 -0.45 14.22
CA ALA A 119 -23.00 0.02 14.26
C ALA A 119 -23.93 -0.82 15.14
N ILE A 120 -23.72 -2.13 15.26
CA ILE A 120 -24.65 -3.03 15.95
C ILE A 120 -24.02 -3.73 17.15
N SER A 121 -22.73 -3.55 17.41
CA SER A 121 -22.05 -4.39 18.41
C SER A 121 -22.63 -4.21 19.80
N GLU A 122 -23.16 -3.02 20.10
CA GLU A 122 -23.65 -2.73 21.44
C GLU A 122 -24.81 -3.64 21.86
N LEU A 123 -25.44 -4.33 20.90
CA LEU A 123 -26.63 -5.13 21.18
C LEU A 123 -26.33 -6.61 21.46
N SER A 124 -25.07 -7.04 21.37
CA SER A 124 -24.72 -8.41 21.72
C SER A 124 -24.49 -8.50 23.22
N ALA A 125 -25.08 -9.53 23.84
CA ALA A 125 -25.09 -9.71 25.29
C ALA A 125 -24.78 -11.17 25.63
N GLU A 126 -23.49 -11.54 25.57
CA GLU A 126 -22.99 -12.80 26.14
C GLU A 126 -23.87 -14.02 25.87
N GLY A 127 -24.12 -14.33 24.61
CA GLY A 127 -25.07 -15.37 24.24
C GLY A 127 -26.19 -14.89 23.35
N LEU A 128 -26.25 -13.58 23.10
CA LEU A 128 -27.19 -12.96 22.18
C LEU A 128 -26.39 -12.38 21.02
N SER A 129 -26.61 -12.89 19.82
CA SER A 129 -25.94 -12.30 18.66
C SER A 129 -26.41 -10.87 18.46
N ALA A 130 -25.55 -10.05 17.85
CA ALA A 130 -25.92 -8.66 17.60
C ALA A 130 -27.20 -8.57 16.78
N LYS A 131 -27.40 -9.53 15.87
CA LYS A 131 -28.66 -9.59 15.14
C LYS A 131 -29.83 -9.89 16.08
N GLN A 132 -29.59 -10.76 17.06
CA GLN A 132 -30.67 -11.14 17.98
C GLN A 132 -31.12 -9.96 18.82
N GLY A 133 -30.18 -9.17 19.34
CA GLY A 133 -30.55 -8.02 20.14
C GLY A 133 -31.34 -7.01 19.34
N LEU A 134 -30.93 -6.77 18.10
CA LEU A 134 -31.58 -5.75 17.28
C LEU A 134 -33.04 -6.11 17.02
N LEU A 135 -33.31 -7.36 16.67
CA LEU A 135 -34.69 -7.77 16.40
C LEU A 135 -35.52 -7.71 17.68
N LEU A 136 -35.03 -8.32 18.75
CA LEU A 136 -35.71 -8.22 20.04
C LEU A 136 -35.92 -6.77 20.43
N TRP A 137 -34.97 -5.89 20.10
CA TRP A 137 -35.16 -4.47 20.36
C TRP A 137 -36.40 -3.97 19.63
N CYS A 138 -36.44 -4.16 18.31
CA CYS A 138 -37.59 -3.71 17.54
C CYS A 138 -38.87 -4.32 18.09
N GLN A 139 -38.85 -5.63 18.36
CA GLN A 139 -40.03 -6.33 18.84
C GLN A 139 -40.63 -5.66 20.07
N LYS A 140 -39.79 -5.24 21.02
CA LYS A 140 -40.32 -4.61 22.21
C LYS A 140 -40.80 -3.18 21.94
N LYS A 141 -40.19 -2.48 20.97
CA LYS A 141 -40.69 -1.16 20.63
C LYS A 141 -42.02 -1.25 19.89
N CYS A 142 -42.28 -2.36 19.21
CA CYS A 142 -43.46 -2.50 18.37
C CYS A 142 -44.58 -3.29 19.01
N GLU A 143 -44.50 -3.56 20.32
CA GLU A 143 -45.63 -4.20 20.99
C GLU A 143 -46.91 -3.38 20.83
N PRO A 144 -46.92 -2.06 21.08
CA PRO A 144 -48.18 -1.31 20.97
C PRO A 144 -48.85 -1.33 19.60
N TYR A 145 -48.17 -1.79 18.54
CA TYR A 145 -48.65 -1.59 17.18
C TYR A 145 -49.06 -2.90 16.51
N PRO A 146 -50.05 -2.88 15.58
CA PRO A 146 -50.49 -4.12 14.94
C PRO A 146 -49.51 -4.59 13.89
N VAL A 147 -48.29 -4.88 14.31
CA VAL A 147 -47.26 -5.36 13.42
C VAL A 147 -46.57 -6.53 14.09
N LYS A 148 -46.14 -7.49 13.27
CA LYS A 148 -45.27 -8.57 13.71
C LYS A 148 -43.85 -8.29 13.24
N VAL A 149 -42.90 -8.34 14.17
CA VAL A 149 -41.49 -8.23 13.83
C VAL A 149 -40.82 -9.58 14.05
N GLU A 150 -40.78 -10.40 13.01
CA GLU A 150 -40.23 -11.74 13.13
C GLU A 150 -38.88 -11.88 12.47
N ASN A 151 -38.47 -10.90 11.70
CA ASN A 151 -37.29 -10.99 10.85
C ASN A 151 -37.01 -9.60 10.34
N PHE A 152 -35.86 -9.45 9.70
CA PHE A 152 -35.52 -8.21 9.03
C PHE A 152 -35.74 -8.30 7.54
N SER A 153 -36.67 -9.15 7.08
CA SER A 153 -36.97 -9.15 5.65
C SER A 153 -38.44 -8.86 5.35
N GLU A 154 -39.35 -9.81 5.60
CA GLU A 154 -40.74 -9.61 5.18
C GLU A 154 -41.46 -8.64 6.11
N SER A 155 -41.12 -8.66 7.39
CA SER A 155 -41.73 -7.78 8.37
C SER A 155 -41.52 -6.30 8.05
N PHE A 156 -40.46 -5.96 7.30
CA PHE A 156 -40.15 -4.60 6.97
C PHE A 156 -40.56 -4.20 5.57
N LYS A 157 -41.12 -5.16 4.81
CA LYS A 157 -41.46 -4.88 3.41
C LYS A 157 -42.54 -3.80 3.30
N ASP A 158 -43.63 -3.89 4.09
CA ASP A 158 -44.75 -2.99 3.82
C ASP A 158 -44.61 -1.62 4.49
N GLY A 159 -43.60 -1.40 5.33
CA GLY A 159 -43.26 -0.09 5.83
C GLY A 159 -43.82 0.22 7.21
N LYS A 160 -44.77 -0.56 7.70
CA LYS A 160 -45.41 -0.20 8.96
C LYS A 160 -44.44 -0.26 10.13
N VAL A 161 -43.44 -1.12 10.06
CA VAL A 161 -42.52 -1.30 11.18
C VAL A 161 -41.53 -0.14 11.25
N PHE A 162 -41.08 0.37 10.10
CA PHE A 162 -40.22 1.55 10.12
C PHE A 162 -40.95 2.73 10.73
N CYS A 163 -42.25 2.84 10.47
CA CYS A 163 -43.04 3.94 11.02
C CYS A 163 -43.27 3.75 12.51
N ALA A 164 -43.55 2.53 12.95
CA ALA A 164 -43.73 2.29 14.38
C ALA A 164 -42.46 2.59 15.13
N LEU A 165 -41.32 2.21 14.55
CA LEU A 165 -40.03 2.44 15.20
C LEU A 165 -39.82 3.93 15.46
N ILE A 166 -40.13 4.76 14.47
CA ILE A 166 -40.00 6.20 14.65
C ILE A 166 -41.11 6.72 15.56
N HIS A 167 -42.35 6.29 15.34
CA HIS A 167 -43.48 6.82 16.09
C HIS A 167 -43.34 6.52 17.58
N ARG A 168 -42.97 5.27 17.92
CA ARG A 168 -42.79 4.93 19.34
C ARG A 168 -41.82 5.87 20.04
N HIS A 169 -40.84 6.40 19.32
CA HIS A 169 -39.85 7.30 19.93
C HIS A 169 -40.16 8.78 19.74
N ARG A 170 -40.69 9.19 18.60
CA ARG A 170 -40.90 10.60 18.30
C ARG A 170 -42.23 10.76 17.55
N PRO A 171 -43.34 10.80 18.28
CA PRO A 171 -44.67 10.90 17.63
C PRO A 171 -44.97 12.27 17.06
N ASP A 172 -44.16 13.29 17.35
CA ASP A 172 -44.31 14.57 16.67
C ASP A 172 -43.76 14.52 15.25
N LEU A 173 -43.05 13.45 14.92
CA LEU A 173 -42.44 13.33 13.61
C LEU A 173 -43.29 12.55 12.63
N LEU A 174 -44.33 11.87 13.11
CA LEU A 174 -45.03 10.92 12.26
C LEU A 174 -46.39 10.59 12.87
N ASP A 175 -47.44 10.69 12.07
CA ASP A 175 -48.79 10.37 12.50
C ASP A 175 -49.06 8.91 12.22
N TRP A 176 -49.51 8.17 13.23
CA TRP A 176 -49.79 6.76 13.00
C TRP A 176 -51.11 6.53 12.27
N GLU A 177 -52.01 7.51 12.27
CA GLU A 177 -53.26 7.37 11.53
C GLU A 177 -53.06 7.47 10.02
N THR A 178 -51.90 7.92 9.56
CA THR A 178 -51.69 8.05 8.13
C THR A 178 -50.97 6.84 7.51
N VAL A 179 -50.43 5.90 8.30
CA VAL A 179 -49.92 4.68 7.70
C VAL A 179 -51.08 3.81 7.23
N GLY A 180 -50.94 3.22 6.05
CA GLY A 180 -51.99 2.43 5.44
C GLY A 180 -51.48 1.18 4.76
N GLU A 181 -52.13 0.77 3.67
CA GLU A 181 -51.76 -0.44 2.96
C GLU A 181 -50.87 -0.18 1.74
N ASP A 182 -50.39 1.06 1.57
CA ASP A 182 -49.52 1.43 0.47
C ASP A 182 -48.07 1.39 0.97
N ASP A 183 -47.35 0.33 0.62
CA ASP A 183 -45.98 0.16 1.10
C ASP A 183 -45.10 1.35 0.71
N ARG A 184 -45.15 1.74 -0.55
CA ARG A 184 -44.25 2.79 -0.99
C ARG A 184 -44.51 4.07 -0.22
N ALA A 185 -45.78 4.36 0.09
CA ALA A 185 -46.12 5.56 0.82
C ALA A 185 -45.55 5.54 2.23
N ASN A 186 -45.75 4.43 2.94
CA ASN A 186 -45.18 4.29 4.29
C ASN A 186 -43.65 4.35 4.25
N LEU A 187 -43.02 3.63 3.32
CA LEU A 187 -41.56 3.65 3.24
C LEU A 187 -41.04 5.06 2.99
N GLU A 188 -41.66 5.80 2.07
CA GLU A 188 -41.19 7.15 1.80
C GLU A 188 -41.45 8.05 3.02
N LYS A 189 -42.58 7.84 3.67
CA LYS A 189 -42.87 8.49 4.94
C LYS A 189 -41.70 8.37 5.92
N ALA A 190 -41.29 7.14 6.24
CA ALA A 190 -40.29 6.96 7.28
C ALA A 190 -38.93 7.48 6.85
N PHE A 191 -38.52 7.19 5.61
CA PHE A 191 -37.20 7.57 5.16
C PHE A 191 -37.07 9.08 5.00
N ASP A 192 -38.16 9.77 4.68
CA ASP A 192 -38.01 11.21 4.55
C ASP A 192 -38.03 11.89 5.91
N VAL A 193 -38.72 11.31 6.88
CA VAL A 193 -38.66 11.84 8.24
C VAL A 193 -37.27 11.60 8.84
N ALA A 194 -36.78 10.37 8.78
CA ALA A 194 -35.47 10.10 9.35
C ALA A 194 -34.40 10.95 8.68
N GLU A 195 -34.55 11.21 7.38
CA GLU A 195 -33.52 11.97 6.66
C GLU A 195 -33.57 13.45 7.01
N LYS A 196 -34.75 13.99 7.30
CA LYS A 196 -34.86 15.41 7.59
C LYS A 196 -34.85 15.73 9.07
N GLU A 197 -35.38 14.85 9.92
CA GLU A 197 -35.54 15.19 11.32
C GLU A 197 -34.72 14.33 12.27
N LEU A 198 -33.98 13.33 11.77
CA LEU A 198 -33.10 12.52 12.60
C LEU A 198 -31.66 12.46 12.09
N GLY A 199 -31.39 12.87 10.85
CA GLY A 199 -30.02 12.91 10.37
C GLY A 199 -29.56 11.61 9.73
N ILE A 200 -30.44 10.95 8.99
CA ILE A 200 -30.12 9.63 8.46
C ILE A 200 -30.33 9.62 6.94
N PRO A 201 -29.25 9.54 6.16
CA PRO A 201 -29.42 9.40 4.70
C PRO A 201 -30.25 8.16 4.35
N LYS A 202 -30.76 8.17 3.11
CA LYS A 202 -31.73 7.17 2.69
C LYS A 202 -31.00 5.92 2.18
N LEU A 203 -30.46 5.17 3.15
CA LEU A 203 -29.61 4.03 2.84
C LEU A 203 -30.36 2.93 2.09
N LEU A 204 -31.69 2.88 2.21
CA LEU A 204 -32.54 1.92 1.50
C LEU A 204 -33.27 2.61 0.34
N ASP A 205 -33.16 2.03 -0.86
CA ASP A 205 -33.84 2.51 -2.06
C ASP A 205 -35.21 1.89 -2.04
N VAL A 206 -36.26 2.72 -1.96
CA VAL A 206 -37.62 2.23 -1.85
C VAL A 206 -37.94 1.26 -2.98
N ASP A 207 -37.37 1.48 -4.17
CA ASP A 207 -37.65 0.58 -5.29
C ASP A 207 -37.24 -0.83 -4.94
N ASP A 208 -36.07 -0.96 -4.31
CA ASP A 208 -35.49 -2.25 -3.97
C ASP A 208 -36.29 -2.99 -2.90
N ILE A 209 -37.07 -2.28 -2.09
CA ILE A 209 -37.94 -2.93 -1.12
C ILE A 209 -39.29 -3.27 -1.73
N VAL A 210 -39.90 -2.32 -2.43
CA VAL A 210 -41.21 -2.58 -3.00
C VAL A 210 -41.13 -3.65 -4.07
N ASN A 211 -40.01 -3.72 -4.79
CA ASN A 211 -39.90 -4.58 -5.98
C ASN A 211 -39.71 -6.05 -5.63
N MET A 212 -38.95 -6.33 -4.63
CA MET A 212 -38.57 -7.73 -4.50
C MET A 212 -39.54 -8.48 -3.59
N PRO A 213 -39.67 -9.81 -3.77
CA PRO A 213 -40.58 -10.57 -2.90
C PRO A 213 -40.31 -10.35 -1.42
N ARG A 214 -39.05 -10.14 -1.04
CA ARG A 214 -38.73 -9.64 0.29
C ARG A 214 -37.38 -8.94 0.22
N PRO A 215 -37.09 -8.04 1.17
CA PRO A 215 -35.83 -7.28 1.13
C PRO A 215 -34.60 -8.09 1.56
N ASP A 216 -33.46 -7.63 1.09
CA ASP A 216 -32.18 -8.10 1.62
C ASP A 216 -32.08 -7.82 3.11
N GLU A 217 -31.83 -8.89 3.87
CA GLU A 217 -31.80 -8.85 5.33
C GLU A 217 -30.74 -7.89 5.88
N ARG A 218 -29.53 -7.90 5.31
CA ARG A 218 -28.44 -7.10 5.83
C ARG A 218 -28.59 -5.62 5.51
N SER A 219 -29.18 -5.29 4.36
CA SER A 219 -29.54 -3.91 4.09
C SER A 219 -30.50 -3.38 5.15
N VAL A 220 -31.61 -4.08 5.37
CA VAL A 220 -32.63 -3.58 6.30
C VAL A 220 -32.00 -3.37 7.67
N MET A 221 -31.16 -4.31 8.11
CA MET A 221 -30.52 -4.23 9.41
C MET A 221 -29.63 -2.99 9.51
N THR A 222 -29.07 -2.55 8.40
CA THR A 222 -28.16 -1.42 8.44
C THR A 222 -28.95 -0.14 8.70
N TYR A 223 -30.05 0.04 7.98
CA TYR A 223 -30.95 1.16 8.26
C TYR A 223 -31.45 1.11 9.69
N VAL A 224 -31.77 -0.09 10.18
CA VAL A 224 -32.32 -0.24 11.52
C VAL A 224 -31.25 0.05 12.57
N ALA A 225 -29.99 -0.33 12.29
CA ALA A 225 -28.88 0.09 13.13
C ALA A 225 -28.79 1.60 13.24
N ALA A 226 -29.06 2.30 12.14
CA ALA A 226 -29.01 3.75 12.15
C ALA A 226 -30.12 4.31 13.02
N LEU A 227 -31.32 3.75 12.93
CA LEU A 227 -32.37 4.18 13.84
C LEU A 227 -31.99 3.90 15.29
N TYR A 228 -31.30 2.77 15.54
CA TYR A 228 -30.98 2.43 16.92
C TYR A 228 -30.06 3.48 17.55
N LYS A 229 -29.11 4.00 16.77
CA LYS A 229 -28.22 5.03 17.30
C LYS A 229 -29.00 6.29 17.68
N VAL A 230 -29.83 6.78 16.74
CA VAL A 230 -30.53 8.05 16.93
C VAL A 230 -31.38 8.04 18.20
N PHE A 231 -31.74 6.85 18.70
CA PHE A 231 -32.48 6.70 19.94
C PHE A 231 -31.54 6.09 20.99
N SER A 232 -30.80 6.94 21.70
CA SER A 232 -29.92 6.51 22.78
C SER A 232 -30.33 7.25 24.05
N SER A 233 -30.77 6.51 25.06
CA SER A 233 -31.30 7.11 26.28
C SER A 233 -30.26 7.96 26.99
N ASN A 234 -28.99 7.58 26.91
CA ASN A 234 -27.91 8.28 27.59
C ASN A 234 -27.44 9.50 26.81
N ALA B 5 47.16 -7.45 3.36
CA ALA B 5 45.71 -7.31 3.27
C ALA B 5 45.03 -7.84 4.53
N ASP B 6 44.68 -6.93 5.44
CA ASP B 6 44.03 -7.29 6.69
C ASP B 6 42.64 -7.88 6.46
N SER B 7 42.26 -8.87 7.27
CA SER B 7 40.93 -9.46 7.17
C SER B 7 40.00 -8.34 7.58
N GLU B 8 40.51 -7.53 8.48
CA GLU B 8 39.86 -6.33 9.01
C GLU B 8 39.37 -5.43 7.89
N LEU B 9 40.14 -5.33 6.81
CA LEU B 9 39.75 -4.44 5.72
C LEU B 9 38.68 -5.07 4.84
N VAL B 10 38.78 -6.36 4.55
CA VAL B 10 37.67 -7.06 3.91
C VAL B 10 36.41 -6.87 4.74
N ALA B 11 36.53 -6.96 6.08
CA ALA B 11 35.37 -6.77 6.95
C ALA B 11 34.81 -5.35 6.82
N GLN B 12 35.72 -4.37 6.69
CA GLN B 12 35.35 -2.96 6.76
C GLN B 12 34.68 -2.47 5.47
N TRP B 13 35.10 -2.94 4.30
CA TRP B 13 34.30 -2.56 3.13
C TRP B 13 33.30 -3.62 2.72
N GLU B 14 33.15 -4.70 3.48
CA GLU B 14 31.86 -5.35 3.45
C GLU B 14 30.80 -4.43 4.06
N LYS B 15 31.12 -3.81 5.19
CA LYS B 15 30.21 -2.84 5.81
C LYS B 15 29.92 -1.70 4.85
N VAL B 16 30.92 -1.25 4.12
CA VAL B 16 30.74 -0.10 3.23
C VAL B 16 29.87 -0.49 2.05
N GLN B 17 30.13 -1.64 1.46
CA GLN B 17 29.31 -2.09 0.35
C GLN B 17 27.86 -2.26 0.78
N ILE B 18 27.63 -2.72 2.01
CA ILE B 18 26.25 -2.81 2.53
C ILE B 18 25.59 -1.44 2.56
N LYS B 19 26.31 -0.42 3.02
CA LYS B 19 25.76 0.92 3.04
C LYS B 19 25.54 1.47 1.63
N THR B 20 26.49 1.27 0.71
CA THR B 20 26.34 1.84 -0.62
C THR B 20 25.23 1.16 -1.39
N PHE B 21 25.14 -0.17 -1.28
CA PHE B 21 24.09 -0.92 -1.96
C PHE B 21 22.74 -0.60 -1.37
N THR B 22 22.69 -0.39 -0.05
CA THR B 22 21.44 0.01 0.60
C THR B 22 20.99 1.37 0.09
N LYS B 23 21.92 2.31 -0.03
CA LYS B 23 21.57 3.62 -0.58
C LYS B 23 21.22 3.53 -2.05
N TRP B 24 21.89 2.66 -2.80
CA TRP B 24 21.53 2.53 -4.21
C TRP B 24 20.12 1.96 -4.37
N VAL B 25 19.69 1.13 -3.43
CA VAL B 25 18.36 0.55 -3.51
C VAL B 25 17.33 1.61 -3.16
N ASN B 26 17.61 2.37 -2.11
CA ASN B 26 16.75 3.47 -1.71
C ASN B 26 16.65 4.54 -2.79
N MET B 27 17.67 4.66 -3.63
CA MET B 27 17.61 5.60 -4.76
C MET B 27 16.48 5.23 -5.69
N HIS B 28 16.27 3.95 -5.91
CA HIS B 28 15.18 3.51 -6.77
C HIS B 28 13.86 3.37 -6.02
N LEU B 29 13.89 3.04 -4.74
CA LEU B 29 12.65 2.93 -3.99
C LEU B 29 12.06 4.28 -3.67
N ALA B 30 12.89 5.34 -3.65
CA ALA B 30 12.37 6.66 -3.35
C ALA B 30 11.39 7.12 -4.41
N LYS B 31 11.63 6.76 -5.67
CA LYS B 31 10.74 7.09 -6.77
C LYS B 31 9.30 6.65 -6.51
N LYS B 32 9.11 5.80 -5.51
CA LYS B 32 7.78 5.31 -5.16
C LYS B 32 7.49 5.49 -3.67
N GLY B 33 8.26 6.31 -2.99
CA GLY B 33 7.98 6.55 -1.59
C GLY B 33 8.28 5.40 -0.67
N ARG B 34 9.13 4.47 -1.09
CA ARG B 34 9.53 3.34 -0.27
C ARG B 34 10.99 3.50 0.12
N LYS B 35 11.35 2.90 1.26
CA LYS B 35 12.72 3.00 1.77
C LYS B 35 13.04 1.77 2.63
N ILE B 36 14.32 1.38 2.64
CA ILE B 36 14.81 0.29 3.48
C ILE B 36 15.92 0.83 4.38
N ASN B 37 16.19 0.11 5.47
CA ASN B 37 17.29 0.48 6.38
C ASN B 37 18.60 -0.24 6.10
N ASP B 38 18.56 -1.53 5.77
CA ASP B 38 19.75 -2.36 5.67
C ASP B 38 19.51 -3.44 4.63
N VAL B 39 20.26 -3.44 3.52
CA VAL B 39 19.95 -4.40 2.47
C VAL B 39 20.21 -5.84 2.92
N THR B 40 20.95 -6.07 3.99
CA THR B 40 21.22 -7.42 4.42
C THR B 40 20.15 -7.96 5.32
N THR B 41 19.15 -7.16 5.66
CA THR B 41 18.07 -7.66 6.49
C THR B 41 16.71 -7.37 5.86
N ASP B 42 16.62 -6.28 5.12
CA ASP B 42 15.33 -5.80 4.65
C ASP B 42 14.89 -6.44 3.34
N PHE B 43 15.67 -7.38 2.80
CA PHE B 43 15.22 -8.21 1.70
C PHE B 43 14.78 -9.60 2.17
N LYS B 44 14.86 -9.89 3.47
CA LYS B 44 14.67 -11.25 3.95
C LYS B 44 13.24 -11.76 3.79
N ASN B 45 12.24 -10.91 3.56
CA ASN B 45 10.90 -11.45 3.33
C ASN B 45 10.44 -11.28 1.90
N GLY B 46 11.33 -10.86 1.02
CA GLY B 46 11.05 -10.76 -0.40
C GLY B 46 10.38 -9.47 -0.83
N VAL B 47 9.88 -8.65 0.09
CA VAL B 47 8.96 -7.59 -0.28
C VAL B 47 9.69 -6.44 -0.98
N GLU B 48 10.71 -5.86 -0.34
CA GLU B 48 11.43 -4.74 -0.95
C GLU B 48 12.28 -5.13 -2.16
N LEU B 49 12.64 -6.41 -2.32
CA LEU B 49 13.29 -6.83 -3.54
C LEU B 49 12.29 -6.85 -4.70
N CYS B 50 11.07 -7.34 -4.45
CA CYS B 50 10.01 -7.28 -5.45
C CYS B 50 9.76 -5.85 -5.89
N ALA B 51 9.59 -4.95 -4.91
CA ALA B 51 9.45 -3.53 -5.19
C ALA B 51 10.57 -3.05 -6.10
N LEU B 52 11.83 -3.30 -5.71
CA LEU B 52 12.98 -2.83 -6.49
C LEU B 52 12.86 -3.30 -7.94
N LEU B 53 12.48 -4.55 -8.16
CA LEU B 53 12.40 -5.09 -9.52
C LEU B 53 11.26 -4.47 -10.29
N GLU B 54 10.13 -4.18 -9.63
CA GLU B 54 9.03 -3.53 -10.32
C GLU B 54 9.42 -2.11 -10.75
N ILE B 55 10.16 -1.41 -9.91
CA ILE B 55 10.58 -0.04 -10.21
C ILE B 55 11.68 -0.03 -11.28
N ILE B 56 12.73 -0.83 -11.10
CA ILE B 56 13.84 -0.78 -12.07
C ILE B 56 13.59 -1.66 -13.28
N GLY B 57 12.59 -2.53 -13.25
CA GLY B 57 12.36 -3.46 -14.34
C GLY B 57 11.11 -3.11 -15.10
N GLU B 58 10.34 -2.19 -14.54
CA GLU B 58 9.13 -1.65 -15.17
C GLU B 58 8.11 -2.76 -15.43
N THR B 59 7.69 -3.40 -14.33
CA THR B 59 6.76 -4.54 -14.41
C THR B 59 6.02 -4.67 -13.07
N THR B 60 5.13 -5.67 -13.02
CA THR B 60 4.39 -6.03 -11.80
C THR B 60 4.70 -7.47 -11.44
N ILE B 61 5.19 -7.67 -10.24
CA ILE B 61 5.30 -8.99 -9.65
C ILE B 61 4.27 -9.03 -8.52
N LYS B 62 3.47 -10.08 -8.48
CA LYS B 62 2.41 -10.15 -7.48
C LYS B 62 2.95 -10.83 -6.22
N CYS B 63 3.84 -10.11 -5.56
CA CYS B 63 4.40 -10.57 -4.30
C CYS B 63 3.42 -10.30 -3.15
N VAL B 64 3.61 -11.05 -2.07
CA VAL B 64 2.78 -10.93 -0.88
C VAL B 64 3.43 -9.92 0.06
N THR B 65 2.73 -8.81 0.32
CA THR B 65 3.36 -7.67 1.00
C THR B 65 3.42 -7.80 2.52
N ASN B 66 2.55 -8.58 3.15
CA ASN B 66 2.73 -8.90 4.56
C ASN B 66 2.92 -10.42 4.64
N PRO B 67 4.14 -10.89 4.39
CA PRO B 67 4.41 -12.33 4.47
C PRO B 67 4.50 -12.76 5.92
N LYS B 68 3.60 -13.64 6.34
CA LYS B 68 3.58 -14.15 7.70
C LYS B 68 4.21 -15.52 7.83
N MET B 69 4.22 -16.30 6.76
CA MET B 69 4.84 -17.62 6.73
C MET B 69 6.17 -17.57 5.99
N ARG B 70 7.14 -18.36 6.46
CA ARG B 70 8.39 -18.52 5.73
C ARG B 70 8.14 -18.96 4.29
N ILE B 71 7.02 -19.64 4.06
CA ILE B 71 6.75 -20.19 2.74
C ILE B 71 6.40 -19.08 1.76
N GLN B 72 5.76 -18.00 2.23
CA GLN B 72 5.47 -16.85 1.38
C GLN B 72 6.73 -16.02 1.13
N MET B 73 7.57 -15.83 2.14
CA MET B 73 8.83 -15.11 1.92
C MET B 73 9.65 -15.80 0.83
N THR B 74 9.81 -17.14 0.93
CA THR B 74 10.60 -17.85 -0.07
C THR B 74 9.89 -17.85 -1.42
N GLU B 75 8.56 -17.87 -1.42
CA GLU B 75 7.80 -17.69 -2.65
C GLU B 75 7.97 -16.27 -3.23
N ASN B 76 8.03 -15.24 -2.38
CA ASN B 76 8.31 -13.92 -2.92
C ASN B 76 9.64 -13.93 -3.67
N LEU B 77 10.61 -14.67 -3.16
CA LEU B 77 11.93 -14.66 -3.75
C LEU B 77 12.01 -15.52 -4.99
N ASP B 78 11.16 -16.55 -5.09
CA ASP B 78 11.04 -17.28 -6.35
C ASP B 78 10.55 -16.40 -7.47
N LYS B 79 9.47 -15.65 -7.23
CA LYS B 79 8.98 -14.73 -8.24
C LYS B 79 10.04 -13.70 -8.59
N ALA B 80 10.71 -13.14 -7.57
CA ALA B 80 11.82 -12.23 -7.79
C ALA B 80 12.94 -12.87 -8.60
N LEU B 81 13.47 -14.00 -8.11
CA LEU B 81 14.58 -14.63 -8.82
C LEU B 81 14.15 -15.11 -10.20
N ARG B 82 12.89 -15.52 -10.37
CA ARG B 82 12.42 -15.84 -11.71
C ARG B 82 12.52 -14.63 -12.63
N PHE B 83 12.03 -13.48 -12.15
CA PHE B 83 12.02 -12.31 -13.01
C PHE B 83 13.43 -11.86 -13.40
N ILE B 84 14.40 -12.03 -12.50
CA ILE B 84 15.76 -11.64 -12.80
C ILE B 84 16.34 -12.53 -13.92
N GLN B 85 16.27 -13.84 -13.75
CA GLN B 85 16.83 -14.74 -14.77
C GLN B 85 16.08 -14.64 -16.10
N SER B 86 14.90 -14.03 -16.13
CA SER B 86 14.19 -13.73 -17.36
C SER B 86 14.64 -12.41 -17.98
N ARG B 87 15.81 -11.91 -17.59
CA ARG B 87 16.41 -10.71 -18.18
C ARG B 87 17.88 -10.96 -18.52
N ASP B 88 18.26 -12.22 -18.75
CA ASP B 88 19.63 -12.64 -19.07
C ASP B 88 20.59 -12.25 -17.95
N VAL B 89 20.31 -12.79 -16.76
CA VAL B 89 21.19 -12.64 -15.61
C VAL B 89 21.47 -14.04 -15.07
N LYS B 90 22.71 -14.48 -15.20
CA LYS B 90 23.16 -15.75 -14.62
C LYS B 90 23.06 -15.64 -13.10
N LEU B 91 22.07 -16.32 -12.52
CA LEU B 91 21.78 -16.27 -11.11
C LEU B 91 22.46 -17.39 -10.33
N THR B 92 23.65 -17.80 -10.78
CA THR B 92 24.16 -19.16 -10.58
C THR B 92 23.90 -19.75 -9.19
N GLY B 93 24.54 -19.22 -8.16
CA GLY B 93 24.57 -19.91 -6.89
C GLY B 93 23.38 -19.68 -5.96
N ILE B 94 22.72 -18.54 -6.15
CA ILE B 94 21.83 -17.95 -5.15
C ILE B 94 20.43 -18.53 -5.29
N GLY B 95 19.93 -19.10 -4.21
CA GLY B 95 18.54 -19.52 -4.14
C GLY B 95 17.78 -18.65 -3.16
N PRO B 96 16.46 -18.83 -3.08
CA PRO B 96 15.67 -17.95 -2.20
C PRO B 96 16.00 -18.13 -0.73
N THR B 97 16.25 -19.36 -0.31
CA THR B 97 16.52 -19.63 1.10
C THR B 97 17.78 -18.94 1.59
N ASP B 98 18.74 -18.68 0.69
CA ASP B 98 19.93 -17.91 1.06
C ASP B 98 19.59 -16.48 1.45
N ILE B 99 18.49 -15.93 0.93
CA ILE B 99 18.17 -14.53 1.16
C ILE B 99 17.12 -14.39 2.26
N VAL B 100 16.25 -15.38 2.42
CA VAL B 100 15.33 -15.35 3.55
C VAL B 100 16.10 -15.47 4.86
N ASP B 101 17.20 -16.21 4.87
CA ASP B 101 17.98 -16.36 6.09
C ASP B 101 19.06 -15.29 6.25
N GLY B 102 19.27 -14.45 5.25
CA GLY B 102 20.09 -13.28 5.42
C GLY B 102 21.58 -13.51 5.23
N ASN B 103 21.94 -14.36 4.27
CA ASN B 103 23.34 -14.54 3.91
C ASN B 103 23.87 -13.26 3.31
N VAL B 104 24.87 -12.68 3.96
CA VAL B 104 25.33 -11.33 3.59
C VAL B 104 26.05 -11.35 2.25
N LYS B 105 27.01 -12.26 2.09
CA LYS B 105 27.73 -12.35 0.83
C LYS B 105 26.79 -12.57 -0.35
N LEU B 106 25.84 -13.48 -0.22
CA LEU B 106 24.95 -13.78 -1.34
C LEU B 106 23.89 -12.70 -1.57
N THR B 107 23.55 -11.93 -0.54
CA THR B 107 22.62 -10.84 -0.75
C THR B 107 23.30 -9.66 -1.44
N LEU B 108 24.49 -9.28 -0.97
CA LEU B 108 25.31 -8.31 -1.67
C LEU B 108 25.64 -8.78 -3.07
N GLY B 109 25.84 -10.09 -3.26
CA GLY B 109 26.12 -10.59 -4.59
C GLY B 109 24.92 -10.52 -5.52
N LEU B 110 23.71 -10.60 -4.97
CA LEU B 110 22.52 -10.44 -5.78
C LEU B 110 22.34 -8.99 -6.22
N VAL B 111 22.42 -8.06 -5.27
CA VAL B 111 22.31 -6.65 -5.60
C VAL B 111 23.35 -6.26 -6.63
N TRP B 112 24.55 -6.84 -6.54
CA TRP B 112 25.59 -6.52 -7.51
C TRP B 112 25.21 -6.98 -8.91
N THR B 113 24.57 -8.14 -9.05
CA THR B 113 24.12 -8.52 -10.38
C THR B 113 23.03 -7.58 -10.90
N LEU B 114 22.16 -7.07 -10.02
CA LEU B 114 21.16 -6.07 -10.45
C LEU B 114 21.82 -4.76 -10.85
N ILE B 115 22.74 -4.28 -10.03
CA ILE B 115 23.49 -3.09 -10.39
C ILE B 115 24.18 -3.28 -11.73
N LEU B 116 24.81 -4.42 -11.92
CA LEU B 116 25.47 -4.72 -13.20
C LEU B 116 24.47 -4.80 -14.34
N ARG B 117 23.29 -5.37 -14.10
CA ARG B 117 22.38 -5.56 -15.22
C ARG B 117 21.66 -4.27 -15.59
N PHE B 118 21.30 -3.46 -14.61
CA PHE B 118 20.41 -2.35 -14.90
C PHE B 118 21.10 -1.00 -14.92
N ALA B 119 22.26 -0.87 -14.27
CA ALA B 119 23.06 0.36 -14.33
C ALA B 119 24.17 0.32 -15.38
N ILE B 120 24.83 -0.82 -15.59
CA ILE B 120 26.08 -0.88 -16.34
C ILE B 120 26.02 -1.76 -17.56
N SER B 121 24.87 -2.40 -17.85
CA SER B 121 24.81 -3.41 -18.90
C SER B 121 25.21 -2.86 -20.27
N GLU B 122 24.86 -1.60 -20.55
CA GLU B 122 25.14 -1.09 -21.88
C GLU B 122 26.62 -0.83 -22.11
N LEU B 123 27.41 -0.68 -21.04
CA LEU B 123 28.84 -0.50 -21.23
C LEU B 123 29.55 -1.77 -21.66
N SER B 124 28.85 -2.90 -21.67
CA SER B 124 29.43 -4.16 -22.13
C SER B 124 29.21 -4.31 -23.63
N ALA B 125 30.29 -4.63 -24.33
CA ALA B 125 30.29 -5.06 -25.72
C ALA B 125 30.69 -6.53 -25.79
N GLU B 126 30.67 -7.09 -27.01
CA GLU B 126 31.19 -8.44 -27.20
C GLU B 126 32.71 -8.44 -26.98
N GLY B 127 33.17 -9.32 -26.09
CA GLY B 127 34.57 -9.36 -25.71
C GLY B 127 34.99 -8.35 -24.66
N LEU B 128 34.05 -7.56 -24.13
CA LEU B 128 34.34 -6.45 -23.24
C LEU B 128 33.32 -6.47 -22.09
N SER B 129 33.81 -6.57 -20.86
CA SER B 129 32.87 -6.64 -19.74
C SER B 129 32.40 -5.24 -19.35
N ALA B 130 31.21 -5.19 -18.72
CA ALA B 130 30.63 -3.92 -18.30
C ALA B 130 31.58 -3.12 -17.41
N LYS B 131 32.34 -3.81 -16.56
CA LYS B 131 33.34 -3.11 -15.77
C LYS B 131 34.45 -2.56 -16.66
N GLN B 132 34.88 -3.35 -17.65
CA GLN B 132 35.93 -2.89 -18.56
C GLN B 132 35.50 -1.65 -19.32
N GLY B 133 34.25 -1.63 -19.79
CA GLY B 133 33.77 -0.48 -20.53
C GLY B 133 33.62 0.75 -19.66
N LEU B 134 33.11 0.58 -18.44
CA LEU B 134 32.88 1.72 -17.57
C LEU B 134 34.18 2.42 -17.25
N LEU B 135 35.21 1.65 -16.89
CA LEU B 135 36.51 2.24 -16.63
C LEU B 135 37.07 2.92 -17.87
N LEU B 136 37.02 2.21 -19.00
CA LEU B 136 37.53 2.74 -20.26
C LEU B 136 36.83 4.03 -20.65
N TRP B 137 35.56 4.18 -20.26
CA TRP B 137 34.85 5.44 -20.44
C TRP B 137 35.45 6.53 -19.56
N CYS B 138 35.57 6.28 -18.26
CA CYS B 138 36.18 7.24 -17.35
C CYS B 138 37.54 7.70 -17.88
N GLN B 139 38.45 6.75 -18.12
CA GLN B 139 39.80 7.15 -18.47
C GLN B 139 39.86 7.90 -19.80
N LYS B 140 38.89 7.68 -20.69
CA LYS B 140 38.80 8.50 -21.89
C LYS B 140 38.33 9.91 -21.57
N LYS B 141 37.30 10.03 -20.73
CA LYS B 141 36.80 11.34 -20.32
C LYS B 141 37.89 12.14 -19.61
N CYS B 142 38.71 11.48 -18.80
CA CYS B 142 39.74 12.15 -18.02
C CYS B 142 41.04 12.42 -18.80
N GLU B 143 41.02 12.32 -20.12
CA GLU B 143 42.20 12.62 -20.91
C GLU B 143 42.80 13.99 -20.58
N PRO B 144 42.05 15.09 -20.56
CA PRO B 144 42.68 16.40 -20.32
C PRO B 144 43.25 16.55 -18.93
N TYR B 145 42.98 15.62 -18.03
CA TYR B 145 43.19 15.89 -16.62
C TYR B 145 44.39 15.15 -16.07
N PRO B 146 45.20 15.81 -15.24
CA PRO B 146 46.40 15.15 -14.69
C PRO B 146 46.06 14.15 -13.60
N VAL B 147 45.20 13.20 -13.94
CA VAL B 147 44.90 12.07 -13.08
C VAL B 147 45.18 10.80 -13.86
N LYS B 148 45.46 9.71 -13.15
CA LYS B 148 45.53 8.39 -13.76
C LYS B 148 44.31 7.59 -13.31
N VAL B 149 43.54 7.10 -14.26
CA VAL B 149 42.40 6.25 -13.98
C VAL B 149 42.77 4.84 -14.42
N GLU B 150 43.20 4.01 -13.49
CA GLU B 150 43.61 2.65 -13.80
C GLU B 150 42.78 1.59 -13.11
N ASN B 151 41.98 1.98 -12.11
CA ASN B 151 41.16 1.03 -11.38
C ASN B 151 39.98 1.80 -10.83
N PHE B 152 39.13 1.08 -10.10
CA PHE B 152 38.00 1.69 -9.41
C PHE B 152 38.20 1.75 -7.90
N SER B 153 39.45 1.63 -7.40
CA SER B 153 39.67 1.85 -5.97
C SER B 153 40.65 2.99 -5.70
N GLU B 154 41.95 2.81 -5.97
CA GLU B 154 42.92 3.81 -5.54
C GLU B 154 42.76 5.11 -6.33
N SER B 155 42.53 5.00 -7.63
CA SER B 155 42.40 6.17 -8.50
C SER B 155 41.28 7.12 -8.09
N PHE B 156 40.29 6.65 -7.33
CA PHE B 156 39.16 7.47 -6.89
C PHE B 156 39.27 7.94 -5.44
N LYS B 157 40.34 7.61 -4.74
CA LYS B 157 40.39 7.85 -3.30
C LYS B 157 40.54 9.33 -2.96
N ASP B 158 41.22 10.12 -3.79
CA ASP B 158 41.46 11.50 -3.43
C ASP B 158 40.41 12.46 -4.02
N GLY B 159 39.41 11.95 -4.74
CA GLY B 159 38.31 12.74 -5.24
C GLY B 159 38.55 13.44 -6.56
N LYS B 160 39.79 13.51 -7.04
CA LYS B 160 40.09 14.28 -8.26
C LYS B 160 39.33 13.71 -9.46
N VAL B 161 39.37 12.39 -9.63
CA VAL B 161 38.71 11.75 -10.77
C VAL B 161 37.19 12.02 -10.75
N PHE B 162 36.55 11.97 -9.59
CA PHE B 162 35.12 12.33 -9.52
C PHE B 162 34.91 13.75 -10.00
N CYS B 163 35.76 14.67 -9.55
CA CYS B 163 35.65 16.06 -9.97
C CYS B 163 35.98 16.23 -11.44
N ALA B 164 37.00 15.52 -11.95
CA ALA B 164 37.30 15.60 -13.38
C ALA B 164 36.17 15.00 -14.20
N LEU B 165 35.57 13.92 -13.72
CA LEU B 165 34.45 13.32 -14.45
C LEU B 165 33.32 14.31 -14.62
N ILE B 166 32.98 15.04 -13.56
CA ILE B 166 31.88 16.00 -13.63
C ILE B 166 32.28 17.18 -14.50
N HIS B 167 33.48 17.73 -14.25
CA HIS B 167 33.90 18.96 -14.92
C HIS B 167 34.01 18.79 -16.44
N ARG B 168 34.47 17.61 -16.90
CA ARG B 168 34.59 17.36 -18.34
C ARG B 168 33.24 17.41 -19.05
N HIS B 169 32.15 17.09 -18.35
CA HIS B 169 30.83 17.19 -18.94
C HIS B 169 30.15 18.52 -18.62
N ARG B 170 30.26 19.02 -17.38
CA ARG B 170 29.57 20.23 -16.95
C ARG B 170 30.56 21.17 -16.26
N PRO B 171 31.35 21.92 -17.03
CA PRO B 171 32.34 22.82 -16.41
C PRO B 171 31.69 23.90 -15.56
N ASP B 172 30.43 24.25 -15.84
CA ASP B 172 29.77 25.28 -15.05
C ASP B 172 29.52 24.82 -13.63
N LEU B 173 29.34 23.52 -13.41
CA LEU B 173 28.93 23.02 -12.11
C LEU B 173 30.07 22.91 -11.12
N LEU B 174 31.32 22.99 -11.57
CA LEU B 174 32.46 22.63 -10.74
C LEU B 174 33.70 23.33 -11.27
N ASP B 175 34.32 24.17 -10.44
CA ASP B 175 35.54 24.88 -10.83
C ASP B 175 36.75 23.98 -10.59
N TRP B 176 37.60 23.86 -11.60
CA TRP B 176 38.69 22.88 -11.54
C TRP B 176 39.92 23.39 -10.79
N GLU B 177 40.14 24.71 -10.73
CA GLU B 177 41.29 25.23 -9.99
C GLU B 177 41.14 25.02 -8.49
N THR B 178 39.93 24.74 -8.02
CA THR B 178 39.68 24.53 -6.60
C THR B 178 39.81 23.06 -6.19
N VAL B 179 40.31 22.21 -7.08
CA VAL B 179 40.53 20.80 -6.81
C VAL B 179 41.99 20.62 -6.39
N GLY B 180 42.20 20.30 -5.11
CA GLY B 180 43.55 20.27 -4.55
C GLY B 180 43.97 18.94 -3.96
N GLU B 181 44.72 18.96 -2.86
CA GLU B 181 45.24 17.75 -2.24
C GLU B 181 44.43 17.28 -1.03
N ASP B 182 43.33 17.97 -0.70
CA ASP B 182 42.47 17.61 0.43
C ASP B 182 41.38 16.68 -0.09
N ASP B 183 41.52 15.39 0.20
CA ASP B 183 40.64 14.39 -0.41
C ASP B 183 39.19 14.60 0.02
N ARG B 184 38.95 14.76 1.32
CA ARG B 184 37.58 14.91 1.81
C ARG B 184 36.87 16.06 1.10
N ALA B 185 37.58 17.19 0.90
CA ALA B 185 36.98 18.36 0.26
C ALA B 185 36.63 18.08 -1.19
N ASN B 186 37.55 17.49 -1.95
CA ASN B 186 37.22 17.09 -3.32
C ASN B 186 36.01 16.16 -3.36
N LEU B 187 35.96 15.20 -2.45
CA LEU B 187 34.88 14.21 -2.51
C LEU B 187 33.54 14.85 -2.14
N GLU B 188 33.54 15.68 -1.09
CA GLU B 188 32.32 16.39 -0.73
C GLU B 188 31.91 17.37 -1.83
N LYS B 189 32.89 18.01 -2.47
CA LYS B 189 32.57 18.91 -3.57
C LYS B 189 31.94 18.16 -4.71
N ALA B 190 32.53 17.02 -5.09
CA ALA B 190 31.97 16.22 -6.17
C ALA B 190 30.57 15.74 -5.83
N PHE B 191 30.38 15.24 -4.62
CA PHE B 191 29.14 14.58 -4.27
C PHE B 191 28.02 15.57 -4.06
N ASP B 192 28.38 16.77 -3.61
CA ASP B 192 27.35 17.77 -3.38
C ASP B 192 26.85 18.36 -4.69
N VAL B 193 27.74 18.57 -5.65
CA VAL B 193 27.32 19.03 -6.96
C VAL B 193 26.42 17.98 -7.62
N ALA B 194 26.80 16.71 -7.50
CA ALA B 194 25.99 15.65 -8.06
C ALA B 194 24.60 15.66 -7.45
N GLU B 195 24.53 15.73 -6.13
CA GLU B 195 23.23 15.64 -5.47
C GLU B 195 22.35 16.83 -5.83
N LYS B 196 22.90 18.03 -5.86
CA LYS B 196 22.03 19.18 -6.02
C LYS B 196 21.80 19.55 -7.48
N GLU B 197 22.75 19.28 -8.37
CA GLU B 197 22.58 19.66 -9.75
C GLU B 197 22.36 18.50 -10.72
N LEU B 198 22.66 17.27 -10.32
CA LEU B 198 22.46 16.13 -11.22
C LEU B 198 21.46 15.10 -10.69
N GLY B 199 20.91 15.28 -9.49
CA GLY B 199 19.92 14.34 -9.01
C GLY B 199 20.45 13.00 -8.55
N ILE B 200 21.71 12.93 -8.14
CA ILE B 200 22.33 11.68 -7.71
C ILE B 200 22.49 11.74 -6.19
N PRO B 201 21.74 10.98 -5.42
CA PRO B 201 22.03 10.90 -3.97
C PRO B 201 23.47 10.51 -3.70
N LYS B 202 23.88 10.75 -2.46
CA LYS B 202 25.26 10.54 -2.03
C LYS B 202 25.44 9.08 -1.63
N LEU B 203 25.50 8.23 -2.66
CA LEU B 203 25.62 6.78 -2.47
C LEU B 203 26.90 6.41 -1.74
N LEU B 204 27.92 7.23 -1.86
CA LEU B 204 29.20 7.03 -1.20
C LEU B 204 29.28 7.89 0.06
N ASP B 205 29.64 7.24 1.18
CA ASP B 205 29.92 7.93 2.44
C ASP B 205 31.37 8.39 2.39
N VAL B 206 31.60 9.68 2.57
CA VAL B 206 32.96 10.21 2.44
C VAL B 206 33.89 9.55 3.46
N ASP B 207 33.39 9.28 4.68
CA ASP B 207 34.24 8.70 5.72
C ASP B 207 34.78 7.37 5.26
N ASP B 208 33.95 6.62 4.56
CA ASP B 208 34.31 5.31 4.05
C ASP B 208 35.35 5.39 2.94
N ILE B 209 35.55 6.56 2.34
CA ILE B 209 36.57 6.69 1.30
C ILE B 209 37.89 7.12 1.93
N VAL B 210 37.91 8.26 2.62
CA VAL B 210 39.20 8.77 3.06
C VAL B 210 39.80 7.91 4.17
N ASN B 211 38.97 7.21 4.96
CA ASN B 211 39.52 6.55 6.13
C ASN B 211 40.19 5.22 5.82
N MET B 212 39.68 4.47 4.75
CA MET B 212 40.16 3.18 4.31
C MET B 212 41.37 3.33 3.38
N PRO B 213 42.29 2.35 3.36
CA PRO B 213 43.45 2.48 2.46
C PRO B 213 43.05 2.51 1.00
N ARG B 214 42.06 1.72 0.60
CA ARG B 214 41.44 1.82 -0.71
C ARG B 214 39.94 1.69 -0.55
N PRO B 215 39.16 2.34 -1.43
CA PRO B 215 37.71 2.10 -1.46
C PRO B 215 37.32 0.73 -2.02
N ASP B 216 36.14 0.30 -1.62
CA ASP B 216 35.48 -0.84 -2.25
C ASP B 216 35.15 -0.55 -3.72
N GLU B 217 35.70 -1.37 -4.63
CA GLU B 217 35.52 -1.12 -6.07
C GLU B 217 34.06 -1.16 -6.50
N ARG B 218 33.29 -2.12 -6.00
CA ARG B 218 31.88 -2.22 -6.39
C ARG B 218 31.09 -1.02 -5.91
N SER B 219 31.37 -0.54 -4.70
CA SER B 219 30.74 0.69 -4.23
C SER B 219 31.07 1.86 -5.15
N VAL B 220 32.35 2.04 -5.44
CA VAL B 220 32.79 3.13 -6.31
C VAL B 220 32.12 3.04 -7.67
N MET B 221 32.08 1.82 -8.23
CA MET B 221 31.47 1.64 -9.55
C MET B 221 29.99 1.97 -9.53
N THR B 222 29.32 1.73 -8.41
CA THR B 222 27.88 1.99 -8.33
C THR B 222 27.62 3.48 -8.49
N TYR B 223 28.39 4.29 -7.77
CA TYR B 223 28.32 5.74 -7.94
C TYR B 223 28.69 6.18 -9.34
N VAL B 224 29.77 5.61 -9.89
CA VAL B 224 30.20 5.98 -11.23
C VAL B 224 29.14 5.63 -12.26
N ALA B 225 28.48 4.48 -12.09
CA ALA B 225 27.37 4.12 -12.99
C ALA B 225 26.30 5.21 -12.99
N ALA B 226 26.07 5.81 -11.82
CA ALA B 226 25.14 6.92 -11.73
C ALA B 226 25.61 8.10 -12.58
N LEU B 227 26.89 8.47 -12.46
CA LEU B 227 27.38 9.55 -13.30
C LEU B 227 27.23 9.23 -14.78
N TYR B 228 27.40 7.97 -15.15
CA TYR B 228 27.29 7.60 -16.54
C TYR B 228 25.89 7.87 -17.06
N LYS B 229 24.88 7.44 -16.30
CA LYS B 229 23.49 7.70 -16.70
C LYS B 229 23.23 9.19 -16.82
N VAL B 230 23.65 9.96 -15.81
CA VAL B 230 23.38 11.40 -15.80
C VAL B 230 23.90 12.03 -17.09
N PHE B 231 25.15 11.72 -17.44
CA PHE B 231 25.74 12.22 -18.67
C PHE B 231 25.47 11.31 -19.87
N SER B 232 24.66 10.26 -19.71
CA SER B 232 24.18 9.44 -20.83
C SER B 232 22.73 9.78 -21.18
N SER B 233 22.39 11.07 -21.14
CA SER B 233 21.06 11.51 -21.49
C SER B 233 21.14 12.75 -22.38
N ASN B 234 20.38 12.71 -23.48
CA ASN B 234 20.23 13.77 -24.48
C ASN B 234 19.64 13.17 -25.74
#